data_8K4W
#
_entry.id   8K4W
#
_cell.length_a   24.837
_cell.length_b   29.096
_cell.length_c   85.236
_cell.angle_alpha   95.535
_cell.angle_beta   90.000
_cell.angle_gamma   90.000
#
_symmetry.space_group_name_H-M   'P 1'
#
loop_
_entity.id
_entity.type
_entity.pdbx_description
1 polymer 'triple-helix region of human collagen type I'
2 non-polymer 'CHLORIDE ION'
3 water water
#
_entity_poly.entity_id   1
_entity_poly.type   'polypeptide(L)'
_entity_poly.pdbx_seq_one_letter_code
;P(HYP)GP(HYP)GP(HYP)GARGERGFPGERGP(HYP)GP(HYP)GP(HYP)G
;
_entity_poly.pdbx_strand_id   A,B,C,D,E,F,G,H,I,J,K,L
#
# COMPACT_ATOMS: atom_id res chain seq x y z
N GLY A 3 -6.93 14.94 -40.08
CA GLY A 3 -6.47 13.54 -39.80
C GLY A 3 -7.08 12.99 -38.51
N PRO A 4 -7.14 11.65 -38.33
CA PRO A 4 -7.78 11.07 -37.16
C PRO A 4 -6.98 11.29 -35.88
N GLY A 6 -4.63 10.93 -32.63
CA GLY A 6 -3.41 10.14 -32.48
C GLY A 6 -3.62 8.96 -31.54
N PRO A 7 -2.62 8.05 -31.41
CA PRO A 7 -2.71 6.97 -30.43
C PRO A 7 -2.56 7.51 -29.01
N GLY A 9 -0.91 8.19 -25.37
CA GLY A 9 0.45 8.50 -24.94
C GLY A 9 1.11 7.33 -24.22
N ALA A 10 2.37 7.52 -23.90
CA ALA A 10 3.19 6.56 -23.12
C ALA A 10 2.65 6.46 -21.70
N ARG A 11 2.88 5.33 -21.05
CA ARG A 11 2.48 5.13 -19.65
C ARG A 11 3.21 6.15 -18.77
N GLY A 12 2.53 6.64 -17.73
CA GLY A 12 3.15 7.59 -16.81
C GLY A 12 4.25 6.96 -15.99
N GLU A 13 4.96 7.81 -15.27
CA GLU A 13 6.10 7.38 -14.42
C GLU A 13 5.63 6.53 -13.27
N ARG A 14 6.46 5.60 -12.82
CA ARG A 14 6.15 4.83 -11.59
C ARG A 14 6.09 5.83 -10.43
N GLY A 15 5.22 5.53 -9.47
CA GLY A 15 5.10 6.36 -8.28
C GLY A 15 6.38 6.47 -7.49
N PHE A 16 6.40 7.43 -6.61
CA PHE A 16 7.47 7.63 -5.62
C PHE A 16 7.49 6.46 -4.66
N PRO A 17 8.67 6.06 -4.16
CA PRO A 17 8.73 4.96 -3.19
C PRO A 17 8.02 5.30 -1.89
N GLY A 18 7.49 4.29 -1.22
CA GLY A 18 6.93 4.46 0.12
C GLY A 18 7.98 4.81 1.15
N GLU A 19 7.58 5.46 2.25
CA GLU A 19 8.52 5.86 3.32
C GLU A 19 8.99 4.62 4.09
N ARG A 20 10.23 4.64 4.58
CA ARG A 20 10.71 3.56 5.47
CA ARG A 20 10.71 3.56 5.47
C ARG A 20 9.80 3.53 6.70
N GLY A 21 9.51 2.33 7.20
CA GLY A 21 8.70 2.17 8.41
C GLY A 21 9.35 2.81 9.64
N PRO A 22 8.54 3.06 10.69
CA PRO A 22 9.06 3.64 11.92
C PRO A 22 9.90 2.64 12.72
N GLY A 24 10.92 0.11 15.67
CA GLY A 24 10.19 -0.86 16.48
C GLY A 24 9.88 -0.35 17.87
N PRO A 25 9.04 -1.06 18.63
CA PRO A 25 8.76 -0.72 20.03
C PRO A 25 9.99 -0.93 20.90
N GLY A 27 12.55 -2.48 23.55
CA GLY A 27 12.91 -3.90 23.71
C GLY A 27 12.34 -4.46 25.01
N PRO A 28 12.45 -5.79 25.21
CA PRO A 28 12.05 -6.42 26.47
C PRO A 28 12.85 -5.92 27.67
N GLY A 30 14.15 -7.71 30.13
CA GLY A 30 15.30 -8.64 30.23
C GLY A 30 15.39 -9.55 29.02
N GLY B 3 -2.54 11.39 -36.42
CA GLY B 3 -2.23 12.36 -35.30
C GLY B 3 -1.13 11.84 -34.40
N PRO B 4 -0.35 12.72 -33.73
CA PRO B 4 0.79 12.27 -32.92
C PRO B 4 0.33 11.57 -31.65
N GLY B 6 -0.51 10.80 -27.80
CA GLY B 6 -0.98 11.68 -26.72
C GLY B 6 0.14 11.95 -25.70
N PRO B 7 -0.12 12.83 -24.72
CA PRO B 7 0.89 13.15 -23.71
C PRO B 7 1.10 11.97 -22.77
N GLY B 9 1.20 9.69 -19.43
CA GLY B 9 0.25 9.55 -18.31
C GLY B 9 0.76 10.21 -17.04
N ALA B 10 -0.12 10.34 -16.06
CA ALA B 10 0.22 10.87 -14.72
C ALA B 10 1.11 9.87 -13.99
N ARG B 11 1.87 10.38 -13.05
CA ARG B 11 2.68 9.55 -12.12
CA ARG B 11 2.68 9.56 -12.12
C ARG B 11 1.77 8.63 -11.32
N GLY B 12 2.26 7.44 -11.04
CA GLY B 12 1.57 6.45 -10.20
C GLY B 12 1.43 6.91 -8.76
N GLU B 13 0.62 6.18 -8.00
CA GLU B 13 0.44 6.39 -6.55
C GLU B 13 1.76 6.07 -5.83
N ARG B 14 1.99 6.74 -4.71
CA ARG B 14 3.17 6.46 -3.87
C ARG B 14 3.11 5.01 -3.40
N GLY B 15 4.25 4.36 -3.26
CA GLY B 15 4.29 3.01 -2.67
C GLY B 15 3.74 2.98 -1.27
N PHE B 16 3.38 1.81 -0.79
CA PHE B 16 2.88 1.65 0.58
C PHE B 16 4.00 1.92 1.57
N PRO B 17 3.70 2.49 2.76
CA PRO B 17 4.69 2.69 3.79
C PRO B 17 5.23 1.35 4.29
N GLY B 18 6.52 1.35 4.70
CA GLY B 18 7.11 0.14 5.28
C GLY B 18 6.46 -0.23 6.63
N GLU B 19 6.62 -1.48 7.01
CA GLU B 19 6.21 -2.03 8.32
C GLU B 19 7.08 -1.42 9.44
N ARG B 20 6.49 -1.29 10.63
CA ARG B 20 7.23 -0.96 11.86
C ARG B 20 8.36 -1.99 12.04
N GLY B 21 9.51 -1.53 12.49
CA GLY B 21 10.65 -2.40 12.80
C GLY B 21 10.33 -3.37 13.95
N PRO B 22 11.21 -4.35 14.16
CA PRO B 22 11.08 -5.29 15.27
C PRO B 22 11.36 -4.64 16.62
N GLY B 24 13.25 -3.69 20.03
CA GLY B 24 14.67 -3.47 20.36
C GLY B 24 15.24 -4.66 21.13
N PRO B 25 16.57 -4.69 21.32
CA PRO B 25 17.19 -5.76 22.09
C PRO B 25 16.87 -5.64 23.58
N GLY B 27 17.21 -4.99 27.50
CA GLY B 27 17.97 -4.02 28.31
C GLY B 27 19.21 -4.66 28.93
N PRO B 28 20.21 -3.86 29.35
CA PRO B 28 21.40 -4.38 30.02
C PRO B 28 21.14 -4.64 31.51
N GLY C 3 -3.71 15.15 -37.86
CA GLY C 3 -4.78 14.91 -36.84
C GLY C 3 -4.35 15.38 -35.45
N PRO C 4 -5.31 15.57 -34.51
CA PRO C 4 -4.98 16.08 -33.19
C PRO C 4 -4.22 15.05 -32.35
N GLY C 6 -3.27 12.30 -29.59
CA GLY C 6 -4.04 11.24 -28.93
C GLY C 6 -4.39 11.61 -27.49
N PRO C 7 -5.19 10.77 -26.80
CA PRO C 7 -5.47 10.99 -25.38
C PRO C 7 -4.24 10.73 -24.52
N GLY C 9 -1.66 9.10 -21.87
CA GLY C 9 -1.30 7.70 -21.55
C GLY C 9 -1.88 7.27 -20.21
N ALA C 10 -1.73 5.99 -19.94
CA ALA C 10 -2.17 5.34 -18.69
C ALA C 10 -1.39 5.87 -17.50
N ARG C 11 -2.00 5.84 -16.33
CA ARG C 11 -1.31 6.24 -15.08
C ARG C 11 -0.15 5.30 -14.83
N GLY C 12 0.95 5.81 -14.27
CA GLY C 12 2.09 4.99 -13.87
C GLY C 12 1.74 3.95 -12.82
N GLU C 13 2.59 2.92 -12.71
CA GLU C 13 2.44 1.89 -11.67
C GLU C 13 2.70 2.51 -10.30
N ARG C 14 2.18 1.89 -9.27
CA ARG C 14 2.48 2.21 -7.86
C ARG C 14 3.99 2.17 -7.63
N GLY C 15 4.47 3.08 -6.79
CA GLY C 15 5.86 3.07 -6.32
C GLY C 15 6.23 1.81 -5.59
N PHE C 16 7.50 1.70 -5.28
CA PHE C 16 8.05 0.62 -4.43
C PHE C 16 7.47 0.72 -3.03
N PRO C 17 7.23 -0.42 -2.35
CA PRO C 17 6.90 -0.38 -0.93
C PRO C 17 8.09 0.13 -0.11
N GLY C 18 7.83 0.77 1.01
CA GLY C 18 8.91 1.21 1.90
C GLY C 18 9.58 0.02 2.57
N GLU C 19 10.84 0.20 2.99
CA GLU C 19 11.60 -0.80 3.76
C GLU C 19 11.00 -0.93 5.17
N ARG C 20 11.08 -2.12 5.76
CA ARG C 20 10.74 -2.33 7.19
C ARG C 20 11.61 -1.37 8.03
N GLY C 21 11.02 -0.78 9.06
CA GLY C 21 11.73 0.15 9.93
C GLY C 21 12.84 -0.56 10.72
N PRO C 22 13.73 0.24 11.34
CA PRO C 22 14.82 -0.30 12.15
C PRO C 22 14.33 -0.91 13.46
N GLY C 24 13.68 -1.32 17.39
CA GLY C 24 13.30 -0.37 18.44
C GLY C 24 14.48 -0.08 19.36
N PRO C 25 14.29 0.90 20.28
CA PRO C 25 15.31 1.21 21.28
C PRO C 25 15.48 0.08 22.29
N GLY C 27 15.53 -2.22 25.56
CA GLY C 27 14.61 -2.38 26.71
C GLY C 27 15.16 -1.71 27.96
N PRO C 28 14.33 -1.57 29.01
CA PRO C 28 14.80 -1.01 30.29
C PRO C 28 15.88 -1.86 30.95
N GLY C 30 17.64 -4.23 33.53
CA GLY C 30 17.09 -5.39 34.27
C GLY C 30 17.12 -6.62 33.40
N GLY D 3 -9.14 -0.02 -40.23
CA GLY D 3 -9.24 -1.45 -39.91
C GLY D 3 -9.80 -1.70 -38.50
N PRO D 4 -10.02 -2.98 -38.13
CA PRO D 4 -10.53 -3.30 -36.79
C PRO D 4 -9.47 -3.06 -35.72
N GLY D 6 -6.67 -3.64 -32.89
CA GLY D 6 -5.62 -4.66 -32.72
C GLY D 6 -5.97 -5.67 -31.63
N PRO D 7 -5.15 -6.72 -31.45
CA PRO D 7 -5.35 -7.68 -30.38
C PRO D 7 -5.06 -7.05 -29.01
N GLY D 9 -3.26 -6.30 -25.47
CA GLY D 9 -1.84 -6.18 -25.11
C GLY D 9 -1.37 -7.38 -24.30
N ALA D 10 -0.06 -7.48 -24.11
CA ALA D 10 0.58 -8.54 -23.31
C ALA D 10 0.22 -8.35 -21.84
N ARG D 11 0.24 -9.45 -21.09
CA ARG D 11 0.05 -9.40 -19.62
C ARG D 11 1.15 -8.55 -18.99
N GLY D 12 0.80 -7.82 -17.93
CA GLY D 12 1.76 -7.02 -17.18
C GLY D 12 2.83 -7.85 -16.50
N GLU D 13 3.82 -7.16 -15.95
CA GLU D 13 4.91 -7.80 -15.18
C GLU D 13 4.35 -8.40 -13.89
N ARG D 14 5.00 -9.43 -13.40
CA ARG D 14 4.68 -10.05 -12.09
C ARG D 14 4.82 -8.99 -11.00
N GLY D 15 3.97 -9.06 -9.99
CA GLY D 15 4.10 -8.23 -8.80
C GLY D 15 5.44 -8.37 -8.12
N PHE D 16 5.79 -7.40 -7.29
CA PHE D 16 7.02 -7.48 -6.48
C PHE D 16 6.91 -8.59 -5.44
N PRO D 17 8.00 -9.27 -5.09
CA PRO D 17 7.96 -10.31 -4.08
C PRO D 17 7.53 -9.78 -2.71
N GLY D 18 6.83 -10.63 -1.95
CA GLY D 18 6.48 -10.30 -0.57
C GLY D 18 7.68 -10.22 0.36
N GLU D 19 7.55 -9.44 1.44
CA GLU D 19 8.62 -9.23 2.43
C GLU D 19 8.81 -10.50 3.26
N ARG D 20 10.03 -10.77 3.70
CA ARG D 20 10.28 -11.82 4.71
C ARG D 20 9.50 -11.46 5.97
N GLY D 21 8.94 -12.43 6.66
CA GLY D 21 8.26 -12.23 7.95
C GLY D 21 9.22 -11.72 9.02
N PRO D 22 8.68 -11.12 10.11
CA PRO D 22 9.54 -10.63 11.18
C PRO D 22 10.10 -11.76 12.02
N GLY D 24 10.70 -14.23 15.14
CA GLY D 24 9.79 -14.77 16.15
C GLY D 24 10.02 -14.10 17.50
N PRO D 25 9.14 -14.36 18.49
CA PRO D 25 9.30 -13.79 19.82
C PRO D 25 10.49 -14.43 20.54
N GLY D 27 12.65 -16.60 23.11
CA GLY D 27 12.41 -17.88 23.80
C GLY D 27 12.05 -17.66 25.27
N PRO D 28 11.60 -18.74 25.96
CA PRO D 28 11.27 -18.65 27.38
C PRO D 28 12.48 -18.30 28.24
N GLY D 30 13.36 -19.74 30.99
CA GLY D 30 13.91 -21.09 31.21
C GLY D 30 13.25 -22.10 30.29
N PRO E 1 -6.11 -2.61 -42.53
CA PRO E 1 -5.47 -3.69 -41.74
C PRO E 1 -5.78 -3.58 -40.24
N GLY E 3 -5.31 -3.08 -36.22
CA GLY E 3 -4.44 -2.19 -35.44
C GLY E 3 -3.32 -2.96 -34.75
N PRO E 4 -2.30 -2.26 -34.20
CA PRO E 4 -1.24 -2.93 -33.45
C PRO E 4 -1.74 -3.47 -32.11
N GLY E 6 -2.42 -3.82 -28.17
CA GLY E 6 -2.61 -2.83 -27.09
C GLY E 6 -1.40 -2.74 -26.18
N PRO E 7 -1.38 -1.77 -25.26
CA PRO E 7 -0.23 -1.58 -24.38
C PRO E 7 -0.15 -2.71 -23.35
N GLY E 9 -0.13 -4.66 -19.81
CA GLY E 9 -0.89 -4.51 -18.58
C GLY E 9 -0.03 -3.92 -17.46
N ALA E 10 -0.67 -3.46 -16.40
CA ALA E 10 0.02 -2.98 -15.18
C ALA E 10 0.68 -4.17 -14.47
N ARG E 11 1.69 -3.87 -13.68
CA ARG E 11 2.32 -4.80 -12.73
C ARG E 11 1.29 -5.44 -11.80
N GLY E 12 1.52 -6.69 -11.47
CA GLY E 12 0.68 -7.42 -10.50
C GLY E 12 0.73 -6.86 -9.10
N GLU E 13 -0.18 -7.35 -8.25
CA GLU E 13 -0.18 -7.07 -6.79
C GLU E 13 1.11 -7.61 -6.15
N ARG E 14 1.56 -6.98 -5.09
CA ARG E 14 2.76 -7.44 -4.37
C ARG E 14 2.44 -8.79 -3.74
N GLY E 15 3.37 -9.71 -3.67
CA GLY E 15 3.25 -10.91 -2.84
C GLY E 15 3.00 -10.61 -1.39
N PHE E 16 2.33 -11.52 -0.69
CA PHE E 16 2.00 -11.28 0.73
C PHE E 16 3.24 -11.51 1.57
N PRO E 17 3.40 -10.81 2.68
CA PRO E 17 4.53 -11.01 3.56
C PRO E 17 4.52 -12.43 4.17
N GLY E 18 5.70 -12.91 4.49
CA GLY E 18 5.86 -14.14 5.27
C GLY E 18 5.31 -14.03 6.69
N GLU E 19 5.03 -15.17 7.28
CA GLU E 19 4.57 -15.30 8.67
C GLU E 19 5.71 -14.96 9.63
N ARG E 20 5.34 -14.47 10.80
CA ARG E 20 6.20 -14.35 11.98
C ARG E 20 6.96 -15.66 12.22
N GLY E 21 8.24 -15.52 12.56
CA GLY E 21 9.10 -16.68 12.85
C GLY E 21 8.62 -17.42 14.10
N PRO E 22 9.17 -18.62 14.36
CA PRO E 22 8.90 -19.36 15.59
C PRO E 22 9.54 -18.73 16.81
N GLY E 24 12.00 -18.11 19.92
CA GLY E 24 13.43 -18.33 20.09
C GLY E 24 13.69 -19.53 21.00
N PRO E 25 14.95 -19.97 21.11
CA PRO E 25 15.32 -21.02 22.05
C PRO E 25 15.22 -20.53 23.50
N GLY E 27 16.31 -19.33 27.16
CA GLY E 27 17.44 -18.56 27.71
C GLY E 27 18.49 -19.46 28.34
N PRO E 28 19.74 -18.95 28.53
CA PRO E 28 20.84 -19.75 29.06
C PRO E 28 20.66 -20.17 30.53
N GLY F 3 -5.56 0.08 -38.32
CA GLY F 3 -6.57 0.27 -37.26
C GLY F 3 -5.93 0.73 -35.94
N PRO F 4 -6.75 1.12 -34.94
CA PRO F 4 -6.22 1.64 -33.68
C PRO F 4 -5.56 0.55 -32.84
N GLY F 6 -4.91 -2.19 -29.96
CA GLY F 6 -5.83 -3.08 -29.23
C GLY F 6 -6.05 -2.61 -27.80
N PRO F 7 -6.97 -3.27 -27.06
CA PRO F 7 -7.23 -2.90 -25.68
C PRO F 7 -6.06 -3.28 -24.77
N GLY F 9 -3.43 -4.78 -22.10
CA GLY F 9 -3.18 -6.16 -21.65
C GLY F 9 -3.66 -6.39 -20.23
N ALA F 10 -3.77 -7.66 -19.83
CA ALA F 10 -4.24 -8.04 -18.49
C ALA F 10 -3.21 -7.65 -17.45
N ARG F 11 -3.66 -7.43 -16.23
CA ARG F 11 -2.75 -7.13 -15.10
CA ARG F 11 -2.74 -7.13 -15.09
C ARG F 11 -1.81 -8.32 -14.88
N GLY F 12 -0.58 -8.06 -14.48
CA GLY F 12 0.37 -9.11 -14.10
C GLY F 12 -0.09 -9.97 -12.93
N GLU F 13 0.53 -11.14 -12.81
CA GLU F 13 0.25 -12.08 -11.72
CA GLU F 13 0.25 -12.09 -11.72
C GLU F 13 0.71 -11.49 -10.38
N ARG F 14 0.11 -11.92 -9.29
CA ARG F 14 0.56 -11.56 -7.93
C ARG F 14 2.01 -12.00 -7.74
N GLY F 15 2.77 -11.17 -7.02
CA GLY F 15 4.14 -11.54 -6.67
C GLY F 15 4.21 -12.77 -5.79
N PHE F 16 5.41 -13.26 -5.66
CA PHE F 16 5.66 -14.48 -4.86
C PHE F 16 5.55 -14.15 -3.37
N PRO F 17 5.08 -15.10 -2.56
CA PRO F 17 5.00 -14.88 -1.13
C PRO F 17 6.36 -14.76 -0.45
N GLY F 18 6.40 -13.98 0.62
CA GLY F 18 7.60 -13.87 1.46
C GLY F 18 7.90 -15.14 2.23
N GLU F 19 9.16 -15.30 2.62
CA GLU F 19 9.64 -16.41 3.47
CA GLU F 19 9.66 -16.40 3.47
C GLU F 19 9.19 -16.18 4.91
N ARG F 20 8.95 -17.26 5.63
CA ARG F 20 8.73 -17.25 7.10
C ARG F 20 9.88 -16.51 7.76
N GLY F 21 9.56 -15.71 8.78
CA GLY F 21 10.60 -14.97 9.52
C GLY F 21 11.52 -15.90 10.27
N PRO F 22 12.70 -15.40 10.70
CA PRO F 22 13.64 -16.24 11.45
C PRO F 22 13.16 -16.50 12.87
N GLY F 24 12.96 -16.35 16.87
CA GLY F 24 13.21 -15.28 17.84
C GLY F 24 14.55 -15.47 18.55
N PRO F 25 15.02 -14.42 19.26
CA PRO F 25 16.31 -14.52 19.96
C PRO F 25 16.18 -15.44 21.17
N GLY F 27 15.88 -16.71 24.95
CA GLY F 27 15.22 -16.15 26.13
C GLY F 27 16.20 -15.51 27.10
N PRO F 28 15.71 -14.77 28.11
CA PRO F 28 16.56 -14.19 29.14
C PRO F 28 17.31 -15.23 29.96
N GLY F 30 17.80 -15.44 33.26
CA GLY F 30 16.97 -15.78 34.42
C GLY F 30 15.52 -16.02 34.03
N GLY G 3 5.96 -14.13 40.57
CA GLY G 3 5.78 -12.67 40.46
C GLY G 3 4.59 -12.30 39.56
N PRO G 4 4.33 -11.00 39.35
CA PRO G 4 3.14 -10.57 38.63
C PRO G 4 3.23 -10.88 37.14
N GLY G 6 3.62 -10.49 33.16
CA GLY G 6 4.41 -9.58 32.33
C GLY G 6 3.55 -8.50 31.68
N PRO G 7 4.18 -7.54 30.97
CA PRO G 7 3.43 -6.52 30.23
C PRO G 7 2.70 -7.12 29.03
N GLY G 9 1.76 -7.94 25.19
CA GLY G 9 2.58 -8.20 24.00
C GLY G 9 2.54 -7.04 23.03
N ALA G 10 3.43 -7.06 22.04
CA ALA G 10 3.52 -6.04 20.99
C ALA G 10 2.28 -6.13 20.08
N ARG G 11 1.92 -5.01 19.46
CA ARG G 11 0.85 -4.99 18.45
C ARG G 11 1.21 -5.91 17.29
N GLY G 12 0.19 -6.55 16.72
CA GLY G 12 0.36 -7.43 15.56
C GLY G 12 0.84 -6.69 14.33
N GLU G 13 1.16 -7.46 13.30
CA GLU G 13 1.57 -6.92 11.98
C GLU G 13 0.38 -6.22 11.33
N ARG G 14 0.67 -5.24 10.50
CA ARG G 14 -0.34 -4.55 9.69
C ARG G 14 -1.04 -5.57 8.80
N GLY G 15 -2.33 -5.36 8.57
CA GLY G 15 -3.07 -6.17 7.58
C GLY G 15 -2.46 -6.15 6.21
N PHE G 16 -2.82 -7.10 5.37
CA PHE G 16 -2.42 -7.12 3.96
C PHE G 16 -3.03 -5.95 3.20
N PRO G 17 -2.35 -5.40 2.19
CA PRO G 17 -2.91 -4.32 1.40
C PRO G 17 -4.17 -4.74 0.64
N GLY G 18 -5.11 -3.79 0.48
CA GLY G 18 -6.29 -4.04 -0.35
C GLY G 18 -5.97 -4.21 -1.83
N GLU G 19 -6.84 -4.90 -2.55
CA GLU G 19 -6.67 -5.20 -4.00
C GLU G 19 -6.92 -3.92 -4.81
N ARG G 20 -6.23 -3.76 -5.92
CA ARG G 20 -6.56 -2.71 -6.91
C ARG G 20 -8.01 -2.93 -7.37
N GLY G 21 -8.76 -1.88 -7.58
CA GLY G 21 -10.13 -1.95 -8.13
C GLY G 21 -10.13 -2.54 -9.54
N PRO G 22 -11.29 -3.04 -10.01
CA PRO G 22 -11.39 -3.58 -11.37
C PRO G 22 -11.37 -2.47 -12.42
N GLY G 24 -12.65 0.03 -15.27
CA GLY G 24 -13.94 0.71 -15.50
C GLY G 24 -14.69 0.08 -16.66
N PRO G 25 -15.97 0.46 -16.86
CA PRO G 25 -16.74 -0.06 -17.98
C PRO G 25 -16.23 0.46 -19.31
N GLY G 27 -15.99 2.48 -22.75
CA GLY G 27 -16.45 3.81 -23.19
C GLY G 27 -17.69 3.72 -24.06
N PRO G 28 -18.34 4.86 -24.34
CA PRO G 28 -19.52 4.90 -25.21
C PRO G 28 -19.21 4.45 -26.63
N GLY G 30 -18.66 4.62 -30.50
CA GLY G 30 -18.10 5.69 -31.36
C GLY G 30 -18.89 5.84 -32.66
N PRO H 1 10.00 -11.90 40.27
CA PRO H 1 10.12 -10.90 39.18
C PRO H 1 8.90 -10.92 38.26
N GLY H 3 6.68 -11.36 34.87
CA GLY H 3 6.76 -12.31 33.76
C GLY H 3 7.27 -11.63 32.48
N PRO H 4 7.62 -12.41 31.43
CA PRO H 4 8.01 -11.84 30.15
C PRO H 4 6.83 -11.19 29.42
N GLY H 6 3.83 -10.61 26.81
CA GLY H 6 2.89 -11.53 26.13
C GLY H 6 3.23 -11.72 24.66
N PRO H 7 2.57 -12.65 23.97
CA PRO H 7 2.86 -12.90 22.56
C PRO H 7 2.37 -11.76 21.69
N GLY H 9 0.32 -9.68 18.91
CA GLY H 9 -1.07 -9.71 18.43
C GLY H 9 -1.17 -10.34 17.05
N ALA H 10 -2.38 -10.68 16.65
CA ALA H 10 -2.69 -11.17 15.29
C ALA H 10 -2.51 -10.03 14.29
N ARG H 11 -2.27 -10.39 13.04
CA ARG H 11 -2.28 -9.49 11.88
C ARG H 11 -3.61 -8.73 11.79
N GLY H 12 -3.52 -7.49 11.37
CA GLY H 12 -4.71 -6.64 11.12
C GLY H 12 -5.61 -7.14 10.02
N GLU H 13 -6.78 -6.54 9.91
CA GLU H 13 -7.75 -6.76 8.80
C GLU H 13 -7.12 -6.33 7.47
N ARG H 14 -7.50 -6.99 6.38
CA ARG H 14 -7.00 -6.62 5.05
C ARG H 14 -7.51 -5.23 4.72
N GLY H 15 -6.73 -4.40 4.04
CA GLY H 15 -7.22 -3.16 3.43
C GLY H 15 -8.38 -3.38 2.48
N PHE H 16 -9.23 -2.38 2.35
CA PHE H 16 -10.41 -2.53 1.47
C PHE H 16 -9.98 -2.40 0.03
N PRO H 17 -10.66 -3.06 -0.90
CA PRO H 17 -10.34 -2.93 -2.31
C PRO H 17 -10.57 -1.50 -2.83
N GLY H 18 -9.82 -1.13 -3.84
CA GLY H 18 -10.05 0.11 -4.58
C GLY H 18 -11.39 0.10 -5.33
N GLU H 19 -11.85 1.28 -5.66
CA GLU H 19 -13.10 1.48 -6.44
C GLU H 19 -12.87 1.08 -7.90
N ARG H 20 -13.94 0.66 -8.55
CA ARG H 20 -14.04 0.50 -10.00
C ARG H 20 -13.48 1.74 -10.72
N GLY H 21 -12.73 1.48 -11.78
CA GLY H 21 -12.14 2.57 -12.59
C GLY H 21 -13.23 3.39 -13.29
N PRO H 22 -12.85 4.53 -13.88
CA PRO H 22 -13.77 5.35 -14.68
C PRO H 22 -14.11 4.71 -16.01
N GLY H 24 -14.26 3.94 -19.94
CA GLY H 24 -13.25 4.03 -21.01
C GLY H 24 -13.53 5.21 -21.92
N PRO H 25 -12.59 5.54 -22.83
CA PRO H 25 -12.82 6.57 -23.82
C PRO H 25 -13.85 6.13 -24.86
N GLY H 27 -15.42 4.95 -28.35
CA GLY H 27 -14.97 4.09 -29.46
C GLY H 27 -14.47 4.91 -30.65
N PRO H 28 -13.66 4.30 -31.54
CA PRO H 28 -13.05 5.01 -32.66
C PRO H 28 -14.05 5.47 -33.72
N GLY I 3 7.48 -14.43 36.68
CA GLY I 3 6.03 -14.57 36.56
C GLY I 3 5.61 -15.09 35.18
N PRO I 4 4.30 -15.34 34.95
CA PRO I 4 3.84 -15.86 33.67
C PRO I 4 3.91 -14.80 32.57
N GLY I 6 2.86 -12.04 29.85
CA GLY I 6 1.80 -11.02 29.84
C GLY I 6 0.65 -11.41 28.90
N PRO I 7 -0.43 -10.62 28.88
CA PRO I 7 -1.56 -10.90 27.99
C PRO I 7 -1.19 -10.61 26.54
N GLY I 9 -0.70 -9.28 22.75
CA GLY I 9 -0.64 -7.93 22.18
C GLY I 9 -1.88 -7.59 21.39
N ALA I 10 -2.08 -6.31 21.10
CA ALA I 10 -3.26 -5.81 20.37
C ALA I 10 -3.19 -6.28 18.92
N ARG I 11 -4.34 -6.39 18.28
CA ARG I 11 -4.40 -6.74 16.84
CA ARG I 11 -4.41 -6.74 16.83
C ARG I 11 -3.69 -5.65 16.03
N GLY I 12 -3.05 -6.05 14.94
CA GLY I 12 -2.45 -5.11 14.00
C GLY I 12 -3.45 -4.14 13.36
N GLU I 13 -2.92 -3.05 12.82
CA GLU I 13 -3.73 -2.03 12.12
CA GLU I 13 -3.75 -2.04 12.13
C GLU I 13 -4.29 -2.61 10.82
N ARG I 14 -5.39 -2.07 10.35
CA ARG I 14 -5.97 -2.42 9.04
C ARG I 14 -4.94 -2.15 7.94
N GLY I 15 -4.91 -3.02 6.94
CA GLY I 15 -4.04 -2.78 5.78
C GLY I 15 -4.44 -1.54 5.01
N PHE I 16 -3.54 -1.17 4.14
CA PHE I 16 -3.72 0.04 3.32
C PHE I 16 -4.78 -0.19 2.25
N PRO I 17 -5.55 0.84 1.88
CA PRO I 17 -6.55 0.70 0.85
C PRO I 17 -5.97 0.43 -0.54
N GLY I 18 -6.70 -0.29 -1.35
CA GLY I 18 -6.33 -0.52 -2.76
C GLY I 18 -6.45 0.73 -3.61
N GLU I 19 -5.73 0.74 -4.71
CA GLU I 19 -5.76 1.82 -5.74
CA GLU I 19 -5.77 1.83 -5.73
C GLU I 19 -7.07 1.72 -6.53
N ARG I 20 -7.56 2.85 -6.99
CA ARG I 20 -8.68 2.94 -7.96
C ARG I 20 -8.32 2.09 -9.18
N GLY I 21 -9.30 1.37 -9.72
CA GLY I 21 -9.07 0.54 -10.92
C GLY I 21 -8.72 1.40 -12.13
N PRO I 22 -8.17 0.78 -13.20
CA PRO I 22 -7.84 1.53 -14.41
C PRO I 22 -9.08 1.91 -15.20
N GLY I 24 -11.79 1.95 -18.15
CA GLY I 24 -12.35 0.90 -19.00
C GLY I 24 -11.74 0.95 -20.41
N PRO I 25 -11.95 -0.11 -21.21
CA PRO I 25 -11.42 -0.14 -22.57
C PRO I 25 -12.19 0.85 -23.47
N GLY I 27 -14.68 2.32 -26.22
CA GLY I 27 -16.01 1.89 -26.68
C GLY I 27 -15.93 1.20 -28.05
N PRO I 28 -17.02 0.54 -28.49
CA PRO I 28 -17.08 -0.09 -29.80
C PRO I 28 -16.92 0.91 -30.94
N GLY I 30 -18.58 1.23 -33.73
CA GLY I 30 -19.92 1.68 -34.16
C GLY I 30 -20.96 1.53 -33.06
N GLY J 3 8.27 0.12 40.44
CA GLY J 3 8.41 1.55 40.05
C GLY J 3 7.11 2.11 39.47
N PRO J 4 7.03 3.44 39.25
CA PRO J 4 5.82 4.04 38.70
C PRO J 4 5.61 3.68 37.23
N GLY J 6 5.45 3.86 33.22
CA GLY J 6 6.40 4.52 32.32
C GLY J 6 5.78 5.76 31.68
N PRO J 7 6.57 6.54 30.91
CA PRO J 7 6.02 7.67 30.15
C PRO J 7 5.18 7.17 28.98
N GLY J 9 4.02 6.43 25.17
CA GLY J 9 4.74 5.98 23.98
C GLY J 9 4.90 7.09 22.96
N ALA J 10 5.64 6.78 21.91
CA ALA J 10 5.86 7.67 20.75
C ALA J 10 4.56 7.90 20.00
N ARG J 11 4.45 9.03 19.31
CA ARG J 11 3.27 9.32 18.47
C ARG J 11 3.16 8.27 17.37
N GLY J 12 1.93 7.89 17.02
CA GLY J 12 1.71 6.92 15.96
C GLY J 12 2.11 7.47 14.59
N GLU J 13 2.11 6.57 13.61
CA GLU J 13 2.50 6.91 12.23
C GLU J 13 1.48 7.84 11.61
N ARG J 14 1.93 8.71 10.69
CA ARG J 14 1.00 9.54 9.92
C ARG J 14 0.10 8.61 9.09
N GLY J 15 -1.13 9.03 8.90
CA GLY J 15 -2.09 8.30 8.10
C GLY J 15 -1.62 8.06 6.69
N PHE J 16 -2.29 7.14 6.03
CA PHE J 16 -2.12 6.85 4.60
C PHE J 16 -2.60 8.06 3.79
N PRO J 17 -1.98 8.35 2.65
CA PRO J 17 -2.40 9.48 1.82
C PRO J 17 -3.82 9.26 1.28
N GLY J 18 -4.53 10.37 1.07
CA GLY J 18 -5.83 10.33 0.40
C GLY J 18 -5.72 9.90 -1.05
N GLU J 19 -6.81 9.36 -1.60
CA GLU J 19 -6.84 8.90 -3.01
C GLU J 19 -6.81 10.09 -3.97
N ARG J 20 -6.18 9.94 -5.13
CA ARG J 20 -6.25 10.97 -6.19
CA ARG J 20 -6.25 10.99 -6.17
C ARG J 20 -7.73 11.16 -6.56
N GLY J 21 -8.12 12.40 -6.82
CA GLY J 21 -9.51 12.70 -7.22
C GLY J 21 -9.87 12.04 -8.56
N PRO J 22 -11.18 11.92 -8.84
CA PRO J 22 -11.64 11.33 -10.09
C PRO J 22 -11.41 12.25 -11.28
N GLY J 24 -12.23 14.77 -14.31
CA GLY J 24 -13.21 15.85 -14.48
C GLY J 24 -14.39 15.41 -15.35
N PRO J 25 -15.44 16.26 -15.42
CA PRO J 25 -16.58 15.99 -16.30
C PRO J 25 -16.17 16.12 -17.77
N GLY J 27 -15.73 17.50 -21.48
CA GLY J 27 -15.41 18.86 -21.91
C GLY J 27 -16.62 19.52 -22.56
N PRO J 28 -16.54 20.84 -22.83
CA PRO J 28 -17.59 21.56 -23.55
C PRO J 28 -17.80 21.04 -24.96
N GLY J 30 -17.85 20.79 -28.87
CA GLY J 30 -17.02 21.34 -29.97
C GLY J 30 -17.88 21.77 -31.15
N GLY K 3 9.50 2.83 34.78
CA GLY K 3 8.94 1.88 33.75
C GLY K 3 9.27 2.34 32.34
N PRO K 4 9.34 1.44 31.33
CA PRO K 4 9.72 1.82 29.99
C PRO K 4 8.63 2.63 29.30
N GLY K 6 5.58 3.66 26.89
CA GLY K 6 4.45 2.89 26.37
C GLY K 6 4.60 2.55 24.89
N PRO K 7 3.69 1.73 24.34
CA PRO K 7 3.79 1.35 22.93
C PRO K 7 3.47 2.53 22.02
N GLY K 9 1.66 4.91 19.31
CA GLY K 9 0.24 5.21 19.04
C GLY K 9 -0.24 4.56 17.75
N ALA K 10 -1.55 4.55 17.57
CA ALA K 10 -2.21 4.06 16.35
C ALA K 10 -1.88 4.99 15.17
N ARG K 11 -1.97 4.43 13.97
CA ARG K 11 -1.84 5.20 12.71
CA ARG K 11 -1.84 5.21 12.72
C ARG K 11 -2.94 6.26 12.65
N GLY K 12 -2.61 7.40 12.06
CA GLY K 12 -3.56 8.49 11.82
C GLY K 12 -4.63 8.12 10.82
N GLU K 13 -5.67 8.96 10.73
CA GLU K 13 -6.74 8.83 9.73
C GLU K 13 -6.16 9.02 8.33
N ARG K 14 -6.78 8.37 7.34
CA ARG K 14 -6.38 8.55 5.93
C ARG K 14 -6.57 10.02 5.57
N GLY K 15 -5.71 10.56 4.71
CA GLY K 15 -5.92 11.92 4.17
C GLY K 15 -7.23 12.05 3.45
N PHE K 16 -7.69 13.28 3.26
CA PHE K 16 -8.92 13.55 2.50
C PHE K 16 -8.72 13.21 1.04
N PRO K 17 -9.76 12.69 0.35
CA PRO K 17 -9.68 12.42 -1.07
C PRO K 17 -9.45 13.72 -1.86
N GLY K 18 -8.73 13.59 -3.00
CA GLY K 18 -8.53 14.76 -3.85
C GLY K 18 -9.83 15.24 -4.50
N GLU K 19 -9.82 16.49 -4.95
CA GLU K 19 -10.92 17.12 -5.71
C GLU K 19 -11.03 16.47 -7.11
N ARG K 20 -12.25 16.45 -7.64
CA ARG K 20 -12.50 16.09 -9.05
C ARG K 20 -11.66 17.00 -9.95
N GLY K 21 -11.11 16.45 -11.01
CA GLY K 21 -10.35 17.20 -12.02
C GLY K 21 -11.22 18.25 -12.72
N PRO K 22 -10.58 19.16 -13.47
CA PRO K 22 -11.30 20.13 -14.29
C PRO K 22 -12.00 19.50 -15.48
N GLY K 24 -12.82 18.48 -19.27
CA GLY K 24 -11.97 18.12 -20.42
C GLY K 24 -11.90 19.27 -21.44
N PRO K 25 -11.00 19.16 -22.42
CA PRO K 25 -10.88 20.18 -23.46
C PRO K 25 -12.09 20.17 -24.39
N GLY K 27 -14.40 19.63 -27.61
CA GLY K 27 -14.44 18.61 -28.67
C GLY K 27 -13.81 19.10 -29.98
N PRO K 28 -13.42 18.20 -30.89
CA PRO K 28 -12.91 18.60 -32.21
C PRO K 28 -14.05 18.96 -33.18
N GLY L 3 9.14 -0.55 36.63
CA GLY L 3 7.67 -0.40 36.64
C GLY L 3 7.03 -0.85 35.33
N PRO L 4 5.69 -0.89 35.24
CA PRO L 4 5.01 -1.35 34.03
C PRO L 4 5.16 -0.36 32.88
N GLY L 6 4.46 2.42 30.05
CA GLY L 6 3.56 3.58 30.01
C GLY L 6 2.35 3.33 29.12
N PRO L 7 1.41 4.28 29.05
CA PRO L 7 0.27 4.16 28.16
C PRO L 7 0.69 4.31 26.70
N GLY L 9 1.13 5.74 22.95
CA GLY L 9 1.33 7.10 22.42
C GLY L 9 0.08 7.66 21.76
N ALA L 10 0.14 8.93 21.41
CA ALA L 10 -0.92 9.66 20.71
C ALA L 10 -1.12 9.10 19.31
N ARG L 11 -2.33 9.23 18.79
CA ARG L 11 -2.64 8.81 17.40
C ARG L 11 -1.81 9.64 16.43
N GLY L 12 -1.38 9.04 15.33
CA GLY L 12 -0.67 9.76 14.27
C GLY L 12 -1.51 10.87 13.65
N GLU L 13 -0.83 11.80 12.99
CA GLU L 13 -1.47 12.88 12.22
C GLU L 13 -2.21 12.29 11.03
N ARG L 14 -3.18 13.02 10.54
CA ARG L 14 -3.89 12.72 9.27
C ARG L 14 -2.88 12.59 8.13
N GLY L 15 -3.14 11.68 7.23
CA GLY L 15 -2.40 11.54 5.97
C GLY L 15 -2.44 12.77 5.13
N PHE L 16 -1.64 12.76 4.07
CA PHE L 16 -1.65 13.80 3.03
C PHE L 16 -2.99 13.83 2.32
N PRO L 17 -3.48 15.02 1.91
CA PRO L 17 -4.64 15.08 1.04
C PRO L 17 -4.32 14.47 -0.32
N GLY L 18 -5.31 13.90 -0.98
CA GLY L 18 -5.11 13.39 -2.35
C GLY L 18 -4.90 14.51 -3.34
N GLU L 19 -4.22 14.21 -4.46
CA GLU L 19 -4.01 15.17 -5.57
C GLU L 19 -5.35 15.42 -6.28
N ARG L 20 -5.53 16.61 -6.83
CA ARG L 20 -6.68 16.90 -7.71
C ARG L 20 -6.66 15.90 -8.88
N GLY L 21 -7.82 15.42 -9.29
CA GLY L 21 -7.92 14.45 -10.38
C GLY L 21 -7.50 15.07 -11.71
N PRO L 22 -7.33 14.21 -12.73
CA PRO L 22 -6.95 14.66 -14.07
C PRO L 22 -8.10 15.37 -14.79
N GLY L 24 -11.07 16.00 -17.40
CA GLY L 24 -12.13 15.12 -17.92
C GLY L 24 -11.85 14.74 -19.38
N PRO L 25 -12.68 13.84 -19.93
CA PRO L 25 -12.57 13.46 -21.34
C PRO L 25 -12.95 14.62 -22.27
N GLY L 27 -14.77 16.99 -24.92
CA GLY L 27 -16.19 17.26 -25.25
C GLY L 27 -16.58 16.57 -26.55
N PRO L 28 -17.90 16.50 -26.86
CA PRO L 28 -18.37 15.87 -28.08
C PRO L 28 -17.90 16.60 -29.33
N GLY L 30 -19.71 17.18 -31.98
CA GLY L 30 -20.88 17.97 -32.42
C GLY L 30 -21.88 18.14 -31.28
#